data_2GC3
#
_entry.id   2GC3
#
_cell.length_a   70.346
_cell.length_b   74.016
_cell.length_c   74.835
_cell.angle_alpha   90.00
_cell.angle_beta   90.00
_cell.angle_gamma   90.00
#
_symmetry.space_group_name_H-M   'P 21 21 21'
#
loop_
_entity.id
_entity.type
_entity.pdbx_description
1 polymer 'Glucose-6-phosphate isomerase'
2 non-polymer 'ZINC ION'
3 non-polymer 6-O-phosphono-alpha-D-mannopyranose
4 water water
#
_entity_poly.entity_id   1
_entity_poly.type   'polypeptide(L)'
_entity_poly.pdbx_seq_one_letter_code
;MMYKEPFGVKVDFETGIIEGAKKSVRRLSDMEGYFVDERAWKELVEKEDPVVYEVYAVEQEEKEGDLNFATTVLYPGKVG
KEFFFTKGHFHAKLDRAEVYVALKGKGGMLLQTPEGDAKWISMEPGTVVYVPPYWAHRTVNIGDEPFIFLAIYPADAGHD
YGTIAEKGFSKIVIEENGEVKVVDNPRW
;
_entity_poly.pdbx_strand_id   A,B
#
# COMPACT_ATOMS: atom_id res chain seq x y z
N MET A 1 -8.95 2.24 -26.80
CA MET A 1 -8.83 3.50 -26.01
C MET A 1 -7.37 3.83 -25.63
N MET A 2 -7.18 4.93 -24.91
CA MET A 2 -5.87 5.35 -24.40
C MET A 2 -5.64 4.70 -23.02
N TYR A 3 -4.45 4.13 -22.82
CA TYR A 3 -4.06 3.55 -21.53
C TYR A 3 -2.89 4.30 -20.92
N LYS A 4 -2.93 4.47 -19.61
CA LYS A 4 -1.82 5.13 -18.91
C LYS A 4 -0.65 4.18 -18.76
N GLU A 5 0.55 4.74 -18.62
CA GLU A 5 1.76 3.95 -18.50
C GLU A 5 1.93 3.41 -17.07
N PRO A 6 2.10 2.08 -16.93
CA PRO A 6 2.53 1.52 -15.64
C PRO A 6 3.94 1.96 -15.33
N PHE A 7 4.25 2.15 -14.06
CA PHE A 7 5.59 2.53 -13.65
C PHE A 7 5.91 1.98 -12.28
N GLY A 8 7.21 1.87 -12.00
CA GLY A 8 7.69 1.63 -10.64
C GLY A 8 8.51 2.80 -10.15
N VAL A 9 8.38 3.11 -8.86
CA VAL A 9 9.26 4.08 -8.19
C VAL A 9 9.87 3.45 -6.97
N LYS A 10 11.11 3.85 -6.67
CA LYS A 10 11.78 3.41 -5.45
C LYS A 10 11.37 4.30 -4.28
N VAL A 11 10.98 3.67 -3.19
CA VAL A 11 10.73 4.35 -1.93
C VAL A 11 11.91 4.04 -1.00
N ASP A 12 12.46 5.09 -0.40
CA ASP A 12 13.57 4.94 0.54
C ASP A 12 12.97 4.76 1.92
N PHE A 13 13.15 3.56 2.49
CA PHE A 13 12.56 3.23 3.79
C PHE A 13 13.24 3.96 4.96
N GLU A 14 14.48 4.40 4.73
CA GLU A 14 15.23 5.18 5.72
C GLU A 14 14.77 6.65 5.78
N THR A 15 14.44 7.22 4.62
CA THR A 15 14.13 8.65 4.53
C THR A 15 12.67 8.94 4.18
N GLY A 16 11.99 7.95 3.59
CA GLY A 16 10.64 8.14 3.07
C GLY A 16 10.55 8.83 1.72
N ILE A 17 11.70 9.17 1.13
CA ILE A 17 11.71 9.95 -0.11
C ILE A 17 11.29 9.12 -1.33
N ILE A 18 10.43 9.74 -2.16
CA ILE A 18 10.06 9.23 -3.49
C ILE A 18 10.51 10.27 -4.51
N GLU A 19 11.52 9.93 -5.32
CA GLU A 19 12.02 10.85 -6.36
C GLU A 19 10.96 11.06 -7.45
N GLY A 20 10.79 12.31 -7.86
CA GLY A 20 9.83 12.65 -8.90
C GLY A 20 8.43 12.96 -8.40
N ALA A 21 8.16 12.62 -7.15
CA ALA A 21 6.85 12.86 -6.52
C ALA A 21 6.64 14.32 -6.16
N LYS A 22 5.37 14.69 -5.95
CA LYS A 22 5.01 16.02 -5.48
C LYS A 22 5.29 16.12 -3.98
N LYS A 23 6.34 16.87 -3.62
CA LYS A 23 6.71 17.10 -2.22
C LYS A 23 5.97 18.30 -1.62
N SER A 24 5.35 18.09 -0.46
CA SER A 24 4.81 19.17 0.38
C SER A 24 5.51 19.15 1.73
N VAL A 25 5.68 20.34 2.31
CA VAL A 25 6.25 20.49 3.65
C VAL A 25 5.24 21.23 4.53
N ARG A 26 4.97 20.69 5.71
CA ARG A 26 4.17 21.41 6.69
C ARG A 26 5.07 21.79 7.86
N ARG A 27 5.24 23.10 8.06
CA ARG A 27 5.92 23.60 9.25
C ARG A 27 4.89 23.90 10.33
N LEU A 28 5.37 24.22 11.52
CA LEU A 28 4.45 24.53 12.61
C LEU A 28 3.51 25.72 12.30
N SER A 29 4.02 26.74 11.63
CA SER A 29 3.23 27.90 11.17
C SER A 29 2.06 27.53 10.24
N ASP A 30 2.11 26.35 9.62
CA ASP A 30 1.02 25.87 8.76
C ASP A 30 -0.07 25.21 9.58
N MET A 31 0.13 25.18 10.90
CA MET A 31 -0.78 24.42 11.78
C MET A 31 -1.34 25.25 12.93
N GLU A 32 -1.70 26.50 12.65
CA GLU A 32 -2.42 27.29 13.63
C GLU A 32 -3.79 26.66 13.95
N GLY A 33 -4.15 26.69 15.23
CA GLY A 33 -5.45 26.20 15.70
C GLY A 33 -5.57 24.70 15.75
N TYR A 34 -4.42 24.03 15.68
CA TYR A 34 -4.36 22.56 15.69
C TYR A 34 -3.98 21.98 17.05
N PHE A 35 -3.04 22.62 17.74
CA PHE A 35 -2.52 22.08 18.99
C PHE A 35 -3.17 22.72 20.21
N VAL A 36 -3.33 21.94 21.29
CA VAL A 36 -4.01 22.40 22.52
C VAL A 36 -3.32 23.63 23.15
N ASP A 37 -1.99 23.57 23.25
CA ASP A 37 -1.22 24.62 23.90
C ASP A 37 -0.80 25.70 22.89
N GLU A 38 -1.64 26.71 22.70
CA GLU A 38 -1.42 27.74 21.66
C GLU A 38 -0.24 28.69 21.93
N ARG A 39 0.03 28.96 23.21
CA ARG A 39 1.21 29.74 23.59
C ARG A 39 2.50 28.99 23.29
N ALA A 40 2.51 27.68 23.59
CA ALA A 40 3.64 26.81 23.22
C ALA A 40 3.82 26.84 21.71
N TRP A 41 2.70 26.72 20.99
CA TRP A 41 2.67 26.77 19.53
C TRP A 41 3.30 28.05 19.04
N LYS A 42 2.83 29.17 19.58
CA LYS A 42 3.27 30.51 19.19
C LYS A 42 4.78 30.71 19.43
N GLU A 43 5.26 30.30 20.60
CA GLU A 43 6.67 30.47 20.96
C GLU A 43 7.57 29.66 20.03
N LEU A 44 7.15 28.44 19.73
CA LEU A 44 7.88 27.53 18.86
C LEU A 44 7.96 27.99 17.41
N VAL A 45 6.87 28.56 16.90
CA VAL A 45 6.87 29.20 15.57
C VAL A 45 7.81 30.42 15.53
N GLU A 46 7.79 31.23 16.59
CA GLU A 46 8.69 32.39 16.71
C GLU A 46 10.18 32.04 16.83
N LYS A 47 10.49 30.98 17.59
CA LYS A 47 11.88 30.58 17.80
C LYS A 47 12.55 29.88 16.62
N GLU A 48 11.80 29.01 15.94
CA GLU A 48 12.37 28.02 15.06
C GLU A 48 11.45 27.67 13.87
N ASP A 49 10.14 27.71 14.11
CA ASP A 49 9.16 27.18 13.16
C ASP A 49 9.63 25.88 12.49
N PRO A 50 9.64 24.75 13.26
CA PRO A 50 10.16 23.48 12.72
C PRO A 50 9.23 22.80 11.71
N VAL A 51 9.82 21.95 10.88
CA VAL A 51 9.07 21.05 10.02
C VAL A 51 8.36 20.02 10.90
N VAL A 52 7.08 19.83 10.63
CA VAL A 52 6.28 18.85 11.35
C VAL A 52 6.28 17.56 10.53
N TYR A 53 5.93 17.68 9.26
CA TYR A 53 5.99 16.58 8.30
C TYR A 53 6.24 16.98 6.86
N GLU A 54 6.78 16.02 6.09
CA GLU A 54 6.92 16.08 4.64
C GLU A 54 6.05 15.01 4.01
N VAL A 55 5.46 15.32 2.85
CA VAL A 55 4.68 14.36 2.06
C VAL A 55 5.30 14.23 0.66
N TYR A 56 5.42 13.01 0.15
CA TYR A 56 5.83 12.76 -1.23
C TYR A 56 4.71 11.99 -1.92
N ALA A 57 3.92 12.69 -2.71
CA ALA A 57 2.67 12.16 -3.26
C ALA A 57 2.74 11.85 -4.75
N VAL A 58 2.21 10.69 -5.12
CA VAL A 58 2.06 10.27 -6.51
C VAL A 58 0.56 10.13 -6.80
N GLU A 59 0.01 11.16 -7.45
CA GLU A 59 -1.43 11.29 -7.60
C GLU A 59 -1.89 11.17 -9.04
N GLN A 60 -3.06 10.56 -9.21
CA GLN A 60 -3.71 10.44 -10.51
C GLN A 60 -4.84 11.45 -10.55
N GLU A 61 -5.46 11.61 -11.71
CA GLU A 61 -6.69 12.42 -11.78
C GLU A 61 -7.77 11.75 -10.93
N GLU A 62 -8.69 12.58 -10.41
CA GLU A 62 -9.73 12.13 -9.51
C GLU A 62 -10.82 11.36 -10.24
N LYS A 63 -10.57 10.06 -10.42
CA LYS A 63 -11.50 9.17 -11.11
C LYS A 63 -11.82 7.96 -10.24
N GLU A 64 -13.05 7.49 -10.34
CA GLU A 64 -13.52 6.29 -9.65
C GLU A 64 -12.66 5.11 -10.09
N GLY A 65 -12.19 4.35 -9.10
CA GLY A 65 -11.48 3.11 -9.37
C GLY A 65 -9.96 3.22 -9.37
N ASP A 66 -9.45 4.45 -9.48
CA ASP A 66 -8.01 4.69 -9.60
C ASP A 66 -7.39 4.90 -8.21
N LEU A 67 -6.07 4.88 -8.12
CA LEU A 67 -5.39 4.91 -6.82
C LEU A 67 -4.24 5.90 -6.77
N ASN A 68 -4.15 6.62 -5.64
CA ASN A 68 -3.01 7.44 -5.28
C ASN A 68 -2.16 6.76 -4.22
N PHE A 69 -0.90 7.16 -4.14
CA PHE A 69 -0.06 6.75 -3.02
C PHE A 69 0.88 7.86 -2.61
N ALA A 70 1.28 7.86 -1.34
CA ALA A 70 2.13 8.90 -0.80
C ALA A 70 2.86 8.36 0.41
N THR A 71 4.10 8.77 0.58
CA THR A 71 4.79 8.58 1.85
C THR A 71 4.68 9.89 2.63
N THR A 72 4.73 9.77 3.95
CA THR A 72 4.79 10.91 4.81
C THR A 72 5.94 10.69 5.80
N VAL A 73 6.68 11.76 6.07
CA VAL A 73 7.77 11.74 7.03
C VAL A 73 7.36 12.69 8.16
N LEU A 74 6.98 12.10 9.29
CA LEU A 74 6.48 12.85 10.44
C LEU A 74 7.61 12.97 11.46
N TYR A 75 8.12 14.19 11.64
CA TYR A 75 9.28 14.45 12.49
C TYR A 75 8.93 14.30 13.95
N PRO A 76 9.93 13.91 14.79
CA PRO A 76 9.66 13.81 16.22
C PRO A 76 9.57 15.19 16.86
N GLY A 77 8.69 15.32 17.85
CA GLY A 77 8.56 16.60 18.56
C GLY A 77 7.26 16.72 19.31
N LYS A 78 7.20 17.76 20.14
CA LYS A 78 6.02 18.09 20.94
C LYS A 78 5.70 19.57 20.84
N VAL A 79 4.40 19.92 20.89
CA VAL A 79 3.96 21.29 21.13
C VAL A 79 3.40 21.28 22.54
N GLY A 80 4.19 21.80 23.49
CA GLY A 80 3.92 21.57 24.91
C GLY A 80 4.16 20.10 25.21
N LYS A 81 3.09 19.41 25.61
CA LYS A 81 3.13 18.00 25.98
C LYS A 81 2.62 17.12 24.82
N GLU A 82 2.08 17.78 23.81
CA GLU A 82 1.37 17.14 22.71
C GLU A 82 2.29 16.76 21.53
N PHE A 83 2.36 15.46 21.21
CA PHE A 83 3.22 14.98 20.13
C PHE A 83 2.84 15.57 18.76
N PHE A 84 3.85 15.77 17.92
CA PHE A 84 3.69 16.19 16.51
C PHE A 84 2.76 15.23 15.78
N PHE A 85 1.90 15.78 14.92
CA PHE A 85 0.92 15.00 14.20
C PHE A 85 0.64 15.63 12.84
N THR A 86 -0.04 14.88 11.95
CA THR A 86 -0.55 15.42 10.70
C THR A 86 -1.86 16.17 10.96
N LYS A 87 -2.19 17.13 10.09
CA LYS A 87 -3.43 17.90 10.21
C LYS A 87 -4.66 17.00 10.45
N GLY A 88 -4.79 15.95 9.64
CA GLY A 88 -5.94 15.07 9.72
C GLY A 88 -7.04 15.55 8.80
N HIS A 89 -7.79 14.60 8.26
CA HIS A 89 -8.86 14.90 7.32
C HIS A 89 -9.84 13.74 7.20
N PHE A 90 -11.07 14.09 6.84
CA PHE A 90 -12.03 13.17 6.25
C PHE A 90 -11.75 13.20 4.74
N HIS A 91 -12.34 12.26 4.01
CA HIS A 91 -12.29 12.33 2.56
C HIS A 91 -13.48 13.14 2.05
N ALA A 92 -13.29 13.82 0.92
CA ALA A 92 -14.35 14.59 0.29
C ALA A 92 -15.47 13.68 -0.18
N LYS A 93 -15.11 12.55 -0.79
CA LYS A 93 -16.03 11.43 -0.96
C LYS A 93 -15.92 10.62 0.31
N LEU A 94 -16.91 10.79 1.18
CA LEU A 94 -16.79 10.42 2.58
C LEU A 94 -16.57 8.92 2.80
N ASP A 95 -17.12 8.09 1.92
CA ASP A 95 -17.03 6.63 2.07
C ASP A 95 -15.76 5.99 1.50
N ARG A 96 -14.78 6.81 1.13
CA ARG A 96 -13.49 6.27 0.64
C ARG A 96 -12.63 5.82 1.80
N ALA A 97 -12.12 4.58 1.70
CA ALA A 97 -11.22 3.97 2.68
C ALA A 97 -9.75 4.34 2.41
N GLU A 98 -8.85 3.86 3.26
CA GLU A 98 -7.42 4.13 3.08
C GLU A 98 -6.59 3.04 3.73
N VAL A 99 -5.41 2.79 3.18
CA VAL A 99 -4.51 1.77 3.75
C VAL A 99 -3.14 2.41 4.03
N TYR A 100 -2.64 2.26 5.26
CA TYR A 100 -1.34 2.80 5.68
C TYR A 100 -0.39 1.68 6.03
N VAL A 101 0.86 1.80 5.59
CA VAL A 101 1.90 0.81 5.91
C VAL A 101 3.02 1.52 6.66
N ALA A 102 3.26 1.14 7.92
CA ALA A 102 4.31 1.79 8.70
C ALA A 102 5.67 1.23 8.31
N LEU A 103 6.63 2.11 8.02
CA LEU A 103 7.95 1.70 7.52
C LEU A 103 9.10 1.92 8.51
N LYS A 104 9.07 3.04 9.23
CA LYS A 104 10.14 3.36 10.18
C LYS A 104 9.60 4.23 11.31
N GLY A 105 10.17 4.04 12.50
CA GLY A 105 9.83 4.87 13.65
C GLY A 105 8.66 4.31 14.42
N LYS A 106 8.11 5.14 15.30
CA LYS A 106 7.17 4.67 16.30
C LYS A 106 6.06 5.70 16.40
N GLY A 107 4.81 5.26 16.26
CA GLY A 107 3.71 6.19 16.34
C GLY A 107 2.37 5.52 16.40
N GLY A 108 1.41 6.07 15.67
CA GLY A 108 0.07 5.54 15.71
C GLY A 108 -0.89 6.42 14.96
N MET A 109 -2.14 5.98 14.91
CA MET A 109 -3.15 6.72 14.19
C MET A 109 -4.36 7.02 15.07
N LEU A 110 -4.79 8.27 15.04
CA LEU A 110 -6.08 8.66 15.59
C LEU A 110 -7.10 8.73 14.47
N LEU A 111 -8.25 8.10 14.71
CA LEU A 111 -9.35 8.03 13.74
C LEU A 111 -10.64 8.47 14.44
N GLN A 112 -11.53 9.12 13.70
CA GLN A 112 -12.84 9.43 14.25
C GLN A 112 -13.95 9.57 13.22
N THR A 113 -15.15 9.13 13.63
CA THR A 113 -16.36 9.18 12.81
C THR A 113 -16.95 10.60 12.86
N PRO A 114 -17.88 10.91 11.94
CA PRO A 114 -18.58 12.19 11.97
C PRO A 114 -19.32 12.45 13.28
N GLU A 115 -19.67 11.38 14.02
CA GLU A 115 -20.22 11.50 15.38
C GLU A 115 -19.21 12.04 16.40
N GLY A 116 -17.92 11.80 16.14
CA GLY A 116 -16.85 12.28 17.01
C GLY A 116 -16.23 11.21 17.90
N ASP A 117 -16.64 9.95 17.70
CA ASP A 117 -16.07 8.80 18.40
C ASP A 117 -14.68 8.47 17.84
N ALA A 118 -13.69 8.37 18.73
CA ALA A 118 -12.30 8.26 18.32
C ALA A 118 -11.72 6.88 18.61
N LYS A 119 -10.73 6.50 17.81
CA LYS A 119 -10.00 5.26 17.98
C LYS A 119 -8.50 5.55 17.86
N TRP A 120 -7.71 4.90 18.70
CA TRP A 120 -6.23 4.95 18.63
C TRP A 120 -5.67 3.59 18.24
N ILE A 121 -4.78 3.59 17.24
CA ILE A 121 -4.12 2.37 16.75
C ILE A 121 -2.61 2.59 16.76
N SER A 122 -1.87 1.83 17.58
CA SER A 122 -0.40 1.88 17.60
C SER A 122 0.20 1.43 16.27
N MET A 123 1.29 2.08 15.86
CA MET A 123 1.99 1.76 14.63
C MET A 123 3.51 1.63 14.85
N GLU A 124 4.04 0.47 14.46
CA GLU A 124 5.48 0.21 14.46
C GLU A 124 5.82 -0.27 13.05
N PRO A 125 7.13 -0.33 12.70
CA PRO A 125 7.44 -0.78 11.34
C PRO A 125 6.77 -2.12 11.03
N GLY A 126 6.14 -2.22 9.86
CA GLY A 126 5.38 -3.43 9.51
C GLY A 126 3.89 -3.42 9.82
N THR A 127 3.42 -2.47 10.63
CA THR A 127 1.99 -2.33 10.93
C THR A 127 1.26 -1.80 9.70
N VAL A 128 0.26 -2.55 9.24
CA VAL A 128 -0.69 -2.07 8.22
C VAL A 128 -2.01 -1.65 8.90
N VAL A 129 -2.45 -0.43 8.62
CA VAL A 129 -3.68 0.09 9.20
C VAL A 129 -4.73 0.26 8.12
N TYR A 130 -5.90 -0.33 8.37
CA TYR A 130 -7.07 -0.15 7.54
C TYR A 130 -7.92 1.03 8.05
N VAL A 131 -7.98 2.10 7.26
CA VAL A 131 -8.84 3.23 7.58
C VAL A 131 -10.18 2.99 6.85
N PRO A 132 -11.27 2.72 7.59
CA PRO A 132 -12.52 2.42 6.90
C PRO A 132 -13.22 3.67 6.32
N PRO A 133 -14.22 3.48 5.45
CA PRO A 133 -15.10 4.58 5.05
C PRO A 133 -15.58 5.41 6.25
N TYR A 134 -15.63 6.73 6.08
CA TYR A 134 -16.23 7.66 7.06
C TYR A 134 -15.34 8.09 8.23
N TRP A 135 -14.17 7.49 8.40
CA TRP A 135 -13.30 7.85 9.52
C TRP A 135 -12.24 8.87 9.12
N ALA A 136 -12.28 10.01 9.80
CA ALA A 136 -11.20 10.99 9.73
C ALA A 136 -9.95 10.31 10.31
N HIS A 137 -8.79 10.69 9.84
CA HIS A 137 -7.57 9.98 10.24
C HIS A 137 -6.41 10.95 10.34
N ARG A 138 -5.64 10.79 11.43
CA ARG A 138 -4.49 11.63 11.72
C ARG A 138 -3.38 10.72 12.29
N THR A 139 -2.15 10.92 11.83
CA THR A 139 -1.02 10.16 12.37
C THR A 139 -0.20 10.99 13.37
N VAL A 140 0.33 10.31 14.38
CA VAL A 140 1.01 10.90 15.51
C VAL A 140 2.38 10.20 15.68
N ASN A 141 3.44 10.99 15.88
CA ASN A 141 4.79 10.47 16.15
C ASN A 141 5.07 10.53 17.65
N ILE A 142 5.12 9.35 18.28
CA ILE A 142 5.40 9.28 19.73
C ILE A 142 6.85 8.89 20.06
N GLY A 143 7.69 8.75 19.04
CA GLY A 143 9.10 8.36 19.22
C GLY A 143 10.13 9.46 19.03
N ASP A 144 11.39 9.07 18.90
CA ASP A 144 12.52 10.02 18.85
C ASP A 144 13.28 9.93 17.53
N GLU A 145 12.52 9.69 16.48
CA GLU A 145 13.04 9.65 15.12
C GLU A 145 11.84 9.85 14.19
N PRO A 146 12.07 10.25 12.93
CA PRO A 146 10.94 10.33 11.99
C PRO A 146 10.07 9.06 11.94
N PHE A 147 8.76 9.27 12.01
CA PHE A 147 7.78 8.23 11.81
C PHE A 147 7.44 8.26 10.31
N ILE A 148 7.76 7.18 9.61
CA ILE A 148 7.67 7.14 8.16
C ILE A 148 6.70 6.04 7.72
N PHE A 149 5.75 6.41 6.88
CA PHE A 149 4.73 5.48 6.41
C PHE A 149 4.34 5.75 4.96
N LEU A 150 3.77 4.73 4.33
CA LEU A 150 3.25 4.86 2.99
C LEU A 150 1.73 4.66 3.05
N ALA A 151 1.00 5.57 2.41
CA ALA A 151 -0.47 5.55 2.38
C ALA A 151 -0.98 5.34 0.97
N ILE A 152 -1.96 4.45 0.81
CA ILE A 152 -2.58 4.19 -0.49
C ILE A 152 -4.08 4.50 -0.35
N TYR A 153 -4.58 5.37 -1.22
CA TYR A 153 -5.97 5.88 -1.12
C TYR A 153 -6.59 6.06 -2.52
N PRO A 154 -7.93 5.99 -2.61
CA PRO A 154 -8.59 6.26 -3.91
C PRO A 154 -8.26 7.64 -4.48
N ALA A 155 -7.97 7.69 -5.77
CA ALA A 155 -7.66 8.92 -6.48
C ALA A 155 -8.75 9.99 -6.33
N ASP A 156 -10.00 9.56 -6.11
CA ASP A 156 -11.14 10.48 -5.97
C ASP A 156 -11.59 10.71 -4.51
N ALA A 157 -10.78 10.27 -3.54
CA ALA A 157 -11.17 10.41 -2.13
C ALA A 157 -11.20 11.89 -1.72
N GLY A 158 -10.21 12.63 -2.20
CA GLY A 158 -10.06 14.02 -1.84
C GLY A 158 -9.77 14.19 -0.36
N HIS A 159 -9.71 15.45 0.04
CA HIS A 159 -9.39 15.81 1.42
C HIS A 159 -10.41 16.84 1.92
N ASP A 160 -10.93 16.59 3.12
CA ASP A 160 -11.82 17.50 3.81
C ASP A 160 -11.18 17.84 5.18
N TYR A 161 -10.47 18.98 5.21
CA TYR A 161 -9.72 19.45 6.39
C TYR A 161 -10.49 20.31 7.41
N GLY A 162 -11.57 20.93 6.96
CA GLY A 162 -12.25 22.02 7.71
C GLY A 162 -12.82 21.72 9.09
N THR A 163 -13.63 20.67 9.19
CA THR A 163 -14.15 20.19 10.48
C THR A 163 -13.04 19.96 11.52
N ILE A 164 -11.99 19.26 11.12
CA ILE A 164 -10.86 18.93 12.00
C ILE A 164 -10.08 20.19 12.36
N ALA A 165 -9.87 21.07 11.39
CA ALA A 165 -9.14 22.33 11.61
C ALA A 165 -9.79 23.20 12.71
N GLU A 166 -11.11 23.12 12.81
CA GLU A 166 -11.88 23.90 13.79
C GLU A 166 -12.03 23.24 15.16
N LYS A 167 -12.31 21.94 15.20
CA LYS A 167 -12.64 21.24 16.46
C LYS A 167 -11.58 20.24 16.91
N GLY A 168 -10.76 19.78 15.97
CA GLY A 168 -9.73 18.79 16.27
C GLY A 168 -10.30 17.39 16.48
N PHE A 169 -9.54 16.54 17.16
CA PHE A 169 -9.99 15.20 17.46
C PHE A 169 -10.46 15.18 18.91
N SER A 170 -11.38 14.27 19.24
CA SER A 170 -11.91 14.16 20.59
C SER A 170 -10.90 13.55 21.57
N LYS A 171 -9.82 12.97 21.04
CA LYS A 171 -8.71 12.47 21.86
C LYS A 171 -7.41 13.15 21.44
N ILE A 172 -6.55 13.43 22.42
CA ILE A 172 -5.19 13.95 22.15
C ILE A 172 -4.13 12.96 22.61
N VAL A 173 -2.95 13.05 22.03
CA VAL A 173 -1.85 12.14 22.39
C VAL A 173 -0.70 12.99 22.95
N ILE A 174 -0.38 12.75 24.22
CA ILE A 174 0.55 13.62 24.96
C ILE A 174 1.60 12.81 25.70
N GLU A 175 2.66 13.49 26.13
CA GLU A 175 3.57 12.90 27.11
C GLU A 175 3.36 13.56 28.47
N GLU A 176 3.10 12.73 29.47
CA GLU A 176 2.89 13.19 30.83
C GLU A 176 3.62 12.21 31.74
N ASN A 177 4.48 12.74 32.62
CA ASN A 177 5.26 11.93 33.58
C ASN A 177 6.16 10.87 32.92
N GLY A 178 6.81 11.24 31.80
CA GLY A 178 7.67 10.32 31.04
C GLY A 178 6.93 9.17 30.38
N GLU A 179 5.66 9.41 30.06
CA GLU A 179 4.74 8.37 29.61
C GLU A 179 3.85 8.89 28.48
N VAL A 180 3.68 8.08 27.44
CA VAL A 180 2.74 8.36 26.36
C VAL A 180 1.30 8.06 26.81
N LYS A 181 0.43 9.07 26.71
CA LYS A 181 -0.98 8.93 27.10
C LYS A 181 -1.92 9.40 26.00
N VAL A 182 -2.93 8.57 25.71
CA VAL A 182 -4.05 8.96 24.86
C VAL A 182 -5.21 9.36 25.76
N VAL A 183 -5.60 10.63 25.71
CA VAL A 183 -6.59 11.13 26.66
C VAL A 183 -7.60 12.00 25.94
N ASP A 184 -8.74 12.21 26.59
CA ASP A 184 -9.77 13.12 26.09
C ASP A 184 -9.16 14.48 25.80
N ASN A 185 -9.55 15.05 24.68
CA ASN A 185 -9.18 16.41 24.33
C ASN A 185 -9.93 17.38 25.26
N PRO A 186 -9.20 18.22 26.02
CA PRO A 186 -9.84 19.21 26.89
C PRO A 186 -10.81 20.13 26.14
N ARG A 187 -10.40 20.59 24.96
CA ARG A 187 -11.19 21.54 24.14
C ARG A 187 -12.36 20.91 23.38
N TRP A 188 -12.68 19.65 23.65
CA TRP A 188 -13.78 18.96 22.98
C TRP A 188 -15.05 18.97 23.84
N MET B 1 -26.27 4.74 12.38
CA MET B 1 -25.24 4.70 11.30
C MET B 1 -24.26 3.55 11.51
N MET B 2 -24.05 2.75 10.47
CA MET B 2 -23.07 1.67 10.54
C MET B 2 -21.68 2.18 10.13
N TYR B 3 -20.74 2.13 11.07
CA TYR B 3 -19.34 2.38 10.78
C TYR B 3 -18.54 1.13 11.09
N LYS B 4 -17.69 0.71 10.16
CA LYS B 4 -16.76 -0.40 10.38
C LYS B 4 -15.64 0.04 11.30
N GLU B 5 -15.10 -0.90 12.05
CA GLU B 5 -14.06 -0.61 13.02
C GLU B 5 -12.69 -0.57 12.34
N PRO B 6 -11.93 0.52 12.54
CA PRO B 6 -10.55 0.54 12.06
C PRO B 6 -9.74 -0.56 12.72
N PHE B 7 -8.72 -1.06 12.03
CA PHE B 7 -7.81 -2.03 12.64
C PHE B 7 -6.39 -1.90 12.12
N GLY B 8 -5.45 -2.42 12.89
CA GLY B 8 -4.06 -2.53 12.48
C GLY B 8 -3.65 -3.99 12.51
N VAL B 9 -2.77 -4.37 11.61
CA VAL B 9 -2.21 -5.73 11.60
C VAL B 9 -0.71 -5.66 11.32
N LYS B 10 0.04 -6.51 12.00
CA LYS B 10 1.47 -6.61 11.78
C LYS B 10 1.73 -7.51 10.57
N VAL B 11 2.50 -6.98 9.62
CA VAL B 11 2.97 -7.74 8.46
C VAL B 11 4.47 -7.93 8.65
N ASP B 12 4.91 -9.18 8.63
CA ASP B 12 6.33 -9.51 8.75
C ASP B 12 6.94 -9.40 7.35
N PHE B 13 7.75 -8.36 7.13
CA PHE B 13 8.35 -8.12 5.82
C PHE B 13 9.30 -9.25 5.41
N GLU B 14 9.75 -10.04 6.39
CA GLU B 14 10.66 -11.17 6.14
C GLU B 14 9.94 -12.46 5.75
N THR B 15 8.67 -12.59 6.13
CA THR B 15 7.89 -13.77 5.76
C THR B 15 6.68 -13.45 4.88
N GLY B 16 6.18 -12.22 4.99
CA GLY B 16 4.96 -11.81 4.29
C GLY B 16 3.69 -12.35 4.94
N ILE B 17 3.82 -13.00 6.09
CA ILE B 17 2.66 -13.56 6.77
C ILE B 17 1.85 -12.43 7.40
N ILE B 18 0.54 -12.41 7.11
CA ILE B 18 -0.41 -11.58 7.85
C ILE B 18 -1.22 -12.53 8.74
N GLU B 19 -1.08 -12.41 10.05
CA GLU B 19 -1.88 -13.23 10.97
C GLU B 19 -3.36 -12.83 10.94
N GLY B 20 -4.21 -13.82 10.73
CA GLY B 20 -5.65 -13.59 10.66
C GLY B 20 -6.23 -13.41 9.26
N ALA B 21 -5.38 -13.35 8.24
CA ALA B 21 -5.81 -13.15 6.86
C ALA B 21 -6.42 -14.43 6.25
N LYS B 22 -7.13 -14.27 5.13
CA LYS B 22 -7.55 -15.42 4.34
C LYS B 22 -6.36 -15.95 3.52
N LYS B 23 -5.86 -17.13 3.89
CA LYS B 23 -4.70 -17.72 3.23
C LYS B 23 -5.10 -18.60 2.03
N SER B 24 -4.53 -18.27 0.86
CA SER B 24 -4.68 -19.07 -0.34
C SER B 24 -3.33 -19.68 -0.68
N VAL B 25 -3.32 -20.96 -1.08
CA VAL B 25 -2.12 -21.65 -1.53
C VAL B 25 -2.32 -22.06 -3.00
N ARG B 26 -1.34 -21.77 -3.85
CA ARG B 26 -1.36 -22.23 -5.24
C ARG B 26 -0.15 -23.11 -5.52
N ARG B 27 -0.42 -24.38 -5.80
CA ARG B 27 0.61 -25.33 -6.21
C ARG B 27 0.67 -25.36 -7.73
N LEU B 28 1.79 -25.86 -8.24
CA LEU B 28 1.97 -26.00 -9.66
C LEU B 28 0.83 -26.74 -10.37
N SER B 29 0.23 -27.71 -9.68
CA SER B 29 -0.90 -28.45 -10.25
C SER B 29 -2.16 -27.60 -10.46
N ASP B 30 -2.25 -26.45 -9.76
CA ASP B 30 -3.36 -25.51 -9.92
C ASP B 30 -3.11 -24.60 -11.11
N MET B 31 -2.00 -24.81 -11.80
CA MET B 31 -1.57 -23.90 -12.87
C MET B 31 -1.36 -24.61 -14.21
N GLU B 32 -2.24 -25.58 -14.50
CA GLU B 32 -2.26 -26.22 -15.81
C GLU B 32 -2.62 -25.21 -16.89
N GLY B 33 -1.88 -25.25 -17.99
CA GLY B 33 -2.14 -24.41 -19.14
C GLY B 33 -1.55 -23.02 -19.03
N TYR B 34 -0.69 -22.83 -18.02
CA TYR B 34 -0.09 -21.52 -17.75
C TYR B 34 1.35 -21.39 -18.22
N PHE B 35 2.08 -22.51 -18.21
CA PHE B 35 3.49 -22.49 -18.60
C PHE B 35 3.72 -23.00 -20.03
N VAL B 36 4.68 -22.39 -20.72
CA VAL B 36 5.04 -22.73 -22.10
C VAL B 36 5.50 -24.19 -22.24
N ASP B 37 6.35 -24.64 -21.32
CA ASP B 37 6.89 -26.00 -21.38
C ASP B 37 5.98 -27.01 -20.64
N GLU B 38 5.00 -27.52 -21.37
CA GLU B 38 3.93 -28.40 -20.83
C GLU B 38 4.46 -29.72 -20.26
N ARG B 39 5.48 -30.29 -20.92
CA ARG B 39 6.14 -31.49 -20.45
C ARG B 39 6.92 -31.24 -19.17
N ALA B 40 7.64 -30.11 -19.11
CA ALA B 40 8.37 -29.74 -17.91
C ALA B 40 7.44 -29.44 -16.73
N TRP B 41 6.25 -28.89 -17.05
CA TRP B 41 5.22 -28.64 -16.03
C TRP B 41 4.75 -29.96 -15.45
N LYS B 42 4.34 -30.87 -16.33
CA LYS B 42 3.84 -32.20 -15.96
C LYS B 42 4.86 -32.99 -15.14
N GLU B 43 6.14 -32.90 -15.52
CA GLU B 43 7.22 -33.57 -14.78
C GLU B 43 7.42 -33.02 -13.37
N LEU B 44 7.41 -31.69 -13.25
CA LEU B 44 7.61 -31.05 -11.95
C LEU B 44 6.41 -31.30 -11.02
N VAL B 45 5.21 -31.33 -11.59
CA VAL B 45 4.00 -31.70 -10.85
C VAL B 45 4.11 -33.14 -10.29
N GLU B 46 4.51 -34.09 -11.14
CA GLU B 46 4.66 -35.49 -10.73
C GLU B 46 5.77 -35.70 -9.71
N LYS B 47 6.87 -34.99 -9.89
CA LYS B 47 8.08 -35.14 -9.07
C LYS B 47 8.00 -34.42 -7.72
N GLU B 48 7.33 -33.27 -7.69
CA GLU B 48 7.32 -32.41 -6.50
C GLU B 48 5.98 -31.69 -6.26
N ASP B 49 5.40 -31.15 -7.33
CA ASP B 49 4.23 -30.25 -7.27
C ASP B 49 4.46 -29.15 -6.23
N PRO B 50 5.46 -28.27 -6.49
CA PRO B 50 5.78 -27.32 -5.43
C PRO B 50 4.69 -26.25 -5.26
N VAL B 51 4.73 -25.56 -4.12
CA VAL B 51 3.94 -24.34 -3.91
C VAL B 51 4.59 -23.24 -4.76
N VAL B 52 3.83 -22.65 -5.68
CA VAL B 52 4.31 -21.52 -6.48
C VAL B 52 4.16 -20.21 -5.70
N TYR B 53 2.97 -19.97 -5.16
CA TYR B 53 2.74 -18.81 -4.31
C TYR B 53 1.66 -19.03 -3.24
N GLU B 54 1.75 -18.21 -2.21
CA GLU B 54 0.76 -18.14 -1.14
C GLU B 54 0.31 -16.69 -0.99
N VAL B 55 -0.98 -16.50 -0.81
CA VAL B 55 -1.56 -15.17 -0.62
C VAL B 55 -2.16 -15.06 0.79
N TYR B 56 -1.90 -13.92 1.44
CA TYR B 56 -2.58 -13.57 2.68
C TYR B 56 -3.41 -12.32 2.42
N ALA B 57 -4.72 -12.51 2.27
CA ALA B 57 -5.65 -11.43 1.87
C ALA B 57 -6.53 -10.90 3.00
N VAL B 58 -6.63 -9.57 3.09
CA VAL B 58 -7.59 -8.90 3.99
C VAL B 58 -8.61 -8.12 3.16
N GLU B 59 -9.81 -8.67 3.04
CA GLU B 59 -10.79 -8.18 2.08
C GLU B 59 -12.08 -7.68 2.70
N GLN B 60 -12.60 -6.59 2.14
CA GLN B 60 -13.87 -6.02 2.58
C GLN B 60 -14.97 -6.49 1.65
N GLU B 61 -16.19 -6.00 1.89
CA GLU B 61 -17.30 -6.22 0.98
C GLU B 61 -17.03 -5.45 -0.30
N GLU B 62 -17.61 -5.91 -1.41
CA GLU B 62 -17.36 -5.30 -2.72
C GLU B 62 -18.08 -3.98 -2.84
N LYS B 63 -17.45 -2.94 -2.31
CA LYS B 63 -18.06 -1.62 -2.30
C LYS B 63 -17.14 -0.61 -2.95
N GLU B 64 -17.75 0.25 -3.77
CA GLU B 64 -17.08 1.39 -4.36
C GLU B 64 -16.40 2.25 -3.29
N GLY B 65 -15.12 2.54 -3.49
CA GLY B 65 -14.38 3.45 -2.60
C GLY B 65 -13.63 2.79 -1.47
N ASP B 66 -13.94 1.51 -1.22
CA ASP B 66 -13.33 0.75 -0.15
C ASP B 66 -12.09 0.03 -0.72
N LEU B 67 -11.27 -0.56 0.16
CA LEU B 67 -9.99 -1.13 -0.26
C LEU B 67 -9.70 -2.48 0.37
N ASN B 68 -9.16 -3.39 -0.45
CA ASN B 68 -8.56 -4.64 0.02
C ASN B 68 -7.03 -4.55 0.01
N PHE B 69 -6.38 -5.39 0.80
CA PHE B 69 -4.94 -5.56 0.71
C PHE B 69 -4.55 -7.03 0.91
N ALA B 70 -3.40 -7.40 0.34
CA ALA B 70 -2.90 -8.77 0.45
C ALA B 70 -1.40 -8.81 0.27
N THR B 71 -0.71 -9.64 1.05
CA THR B 71 0.67 -9.98 0.73
C THR B 71 0.72 -11.24 -0.11
N THR B 72 1.78 -11.38 -0.89
CA THR B 72 2.03 -12.60 -1.63
C THR B 72 3.48 -13.05 -1.43
N VAL B 73 3.64 -14.35 -1.24
CA VAL B 73 4.95 -14.98 -1.18
C VAL B 73 5.07 -15.83 -2.45
N LEU B 74 5.91 -15.36 -3.37
CA LEU B 74 6.14 -16.06 -4.62
C LEU B 74 7.46 -16.80 -4.50
N TYR B 75 7.38 -18.13 -4.48
CA TYR B 75 8.55 -18.98 -4.30
C TYR B 75 9.45 -19.04 -5.53
N PRO B 76 10.77 -19.22 -5.29
CA PRO B 76 11.71 -19.31 -6.43
C PRO B 76 11.59 -20.64 -7.15
N GLY B 77 11.81 -20.60 -8.46
CA GLY B 77 11.68 -21.80 -9.29
C GLY B 77 11.46 -21.47 -10.75
N LYS B 78 11.61 -22.49 -11.57
CA LYS B 78 11.39 -22.43 -13.01
C LYS B 78 10.63 -23.66 -13.44
N VAL B 79 9.77 -23.48 -14.45
CA VAL B 79 9.20 -24.60 -15.20
C VAL B 79 9.90 -24.56 -16.56
N GLY B 80 10.85 -25.46 -16.76
CA GLY B 80 11.75 -25.36 -17.91
C GLY B 80 12.67 -24.18 -17.67
N LYS B 81 12.65 -23.21 -18.58
CA LYS B 81 13.43 -21.99 -18.46
C LYS B 81 12.59 -20.85 -17.84
N GLU B 82 11.28 -21.05 -17.77
CA GLU B 82 10.34 -19.98 -17.41
C GLU B 82 10.18 -19.87 -15.89
N PHE B 83 10.51 -18.69 -15.35
CA PHE B 83 10.44 -18.43 -13.91
C PHE B 83 9.02 -18.56 -13.37
N PHE B 84 8.92 -18.98 -12.11
CA PHE B 84 7.64 -19.05 -11.39
C PHE B 84 6.96 -17.69 -11.37
N PHE B 85 5.65 -17.69 -11.54
CA PHE B 85 4.86 -16.46 -11.55
C PHE B 85 3.47 -16.69 -10.96
N THR B 86 2.75 -15.59 -10.71
CA THR B 86 1.34 -15.66 -10.35
C THR B 86 0.47 -15.93 -11.59
N LYS B 87 -0.71 -16.51 -11.38
CA LYS B 87 -1.63 -16.76 -12.50
C LYS B 87 -1.83 -15.50 -13.36
N GLY B 88 -2.05 -14.35 -12.71
CA GLY B 88 -2.25 -13.08 -13.40
C GLY B 88 -3.74 -12.88 -13.72
N HIS B 89 -4.17 -11.63 -13.79
CA HIS B 89 -5.59 -11.32 -14.01
C HIS B 89 -5.83 -9.87 -14.45
N PHE B 90 -6.92 -9.66 -15.19
CA PHE B 90 -7.54 -8.34 -15.30
C PHE B 90 -8.49 -8.23 -14.11
N HIS B 91 -8.97 -7.02 -13.83
CA HIS B 91 -10.00 -6.87 -12.82
C HIS B 91 -11.37 -6.99 -13.47
N ALA B 92 -12.33 -7.57 -12.75
CA ALA B 92 -13.70 -7.71 -13.24
C ALA B 92 -14.31 -6.36 -13.62
N LYS B 93 -14.14 -5.37 -12.75
CA LYS B 93 -14.33 -3.97 -13.13
C LYS B 93 -13.00 -3.47 -13.68
N LEU B 94 -12.92 -3.41 -15.02
CA LEU B 94 -11.65 -3.22 -15.74
C LEU B 94 -10.86 -1.97 -15.38
N ASP B 95 -11.56 -0.87 -15.09
CA ASP B 95 -10.89 0.41 -14.85
C ASP B 95 -10.28 0.55 -13.44
N ARG B 96 -10.30 -0.52 -12.65
CA ARG B 96 -9.71 -0.49 -11.32
C ARG B 96 -8.18 -0.62 -11.37
N ALA B 97 -7.50 0.29 -10.68
CA ALA B 97 -6.04 0.27 -10.52
C ALA B 97 -5.60 -0.60 -9.35
N GLU B 98 -4.28 -0.77 -9.20
CA GLU B 98 -3.69 -1.48 -8.07
C GLU B 98 -2.33 -0.86 -7.74
N VAL B 99 -1.92 -0.94 -6.48
CA VAL B 99 -0.58 -0.52 -6.04
C VAL B 99 0.13 -1.70 -5.36
N TYR B 100 1.35 -1.99 -5.80
CA TYR B 100 2.17 -3.06 -5.21
C TYR B 100 3.40 -2.47 -4.54
N VAL B 101 3.75 -2.98 -3.36
CA VAL B 101 4.99 -2.62 -2.68
C VAL B 101 5.88 -3.85 -2.51
N ALA B 102 7.06 -3.85 -3.12
CA ALA B 102 7.97 -4.98 -3.02
C ALA B 102 8.71 -4.94 -1.69
N LEU B 103 8.76 -6.10 -1.02
CA LEU B 103 9.26 -6.20 0.34
C LEU B 103 10.56 -6.99 0.47
N LYS B 104 10.66 -8.09 -0.29
CA LYS B 104 11.82 -8.98 -0.20
C LYS B 104 12.03 -9.74 -1.51
N GLY B 105 13.29 -10.05 -1.81
CA GLY B 105 13.65 -10.88 -2.96
C GLY B 105 13.85 -10.07 -4.22
N LYS B 106 13.88 -10.76 -5.36
CA LYS B 106 14.08 -10.12 -6.65
C LYS B 106 13.03 -10.66 -7.63
N GLY B 107 12.33 -9.75 -8.29
CA GLY B 107 11.26 -10.15 -9.17
C GLY B 107 10.87 -9.03 -10.09
N GLY B 108 9.61 -9.03 -10.48
CA GLY B 108 9.10 -8.01 -11.36
C GLY B 108 7.66 -8.29 -11.73
N MET B 109 7.09 -7.35 -12.46
CA MET B 109 5.71 -7.47 -12.90
C MET B 109 5.59 -7.37 -14.41
N LEU B 110 4.83 -8.30 -14.99
CA LEU B 110 4.40 -8.21 -16.39
C LEU B 110 3.01 -7.62 -16.44
N LEU B 111 2.85 -6.59 -17.27
CA LEU B 111 1.55 -5.95 -17.44
C LEU B 111 1.12 -6.02 -18.91
N GLN B 112 -0.19 -5.99 -19.16
CA GLN B 112 -0.74 -6.17 -20.49
C GLN B 112 -2.12 -5.53 -20.65
N THR B 113 -2.33 -4.83 -21.77
CA THR B 113 -3.62 -4.21 -22.09
C THR B 113 -4.53 -5.26 -22.71
N PRO B 114 -5.86 -4.99 -22.80
CA PRO B 114 -6.75 -5.91 -23.53
C PRO B 114 -6.30 -6.20 -24.98
N GLU B 115 -5.47 -5.32 -25.54
CA GLU B 115 -4.89 -5.52 -26.90
C GLU B 115 -3.56 -6.31 -26.91
N GLY B 116 -3.07 -6.66 -25.73
CA GLY B 116 -1.85 -7.45 -25.65
C GLY B 116 -0.55 -6.66 -25.64
N ASP B 117 -0.66 -5.32 -25.58
CA ASP B 117 0.53 -4.46 -25.42
C ASP B 117 1.13 -4.78 -24.05
N ALA B 118 2.39 -5.18 -24.03
CA ALA B 118 3.04 -5.67 -22.81
C ALA B 118 4.07 -4.71 -22.22
N LYS B 119 4.29 -4.83 -20.91
CA LYS B 119 5.27 -4.03 -20.19
C LYS B 119 5.92 -4.87 -19.08
N TRP B 120 7.21 -4.63 -18.83
CA TRP B 120 7.92 -5.27 -17.72
C TRP B 120 8.49 -4.24 -16.75
N ILE B 121 8.20 -4.42 -15.45
CA ILE B 121 8.71 -3.55 -14.39
C ILE B 121 9.52 -4.37 -13.40
N SER B 122 10.83 -4.07 -13.31
CA SER B 122 11.69 -4.64 -12.27
C SER B 122 11.21 -4.27 -10.88
N MET B 123 11.31 -5.23 -9.96
CA MET B 123 10.93 -5.05 -8.57
C MET B 123 11.98 -5.59 -7.61
N GLU B 124 12.42 -4.73 -6.71
CA GLU B 124 13.37 -5.06 -5.64
C GLU B 124 12.80 -4.44 -4.39
N PRO B 125 13.30 -4.83 -3.20
CA PRO B 125 12.71 -4.26 -1.98
C PRO B 125 12.64 -2.74 -2.05
N GLY B 126 11.49 -2.19 -1.67
CA GLY B 126 11.27 -0.75 -1.75
C GLY B 126 10.66 -0.23 -3.04
N THR B 127 10.63 -1.05 -4.09
CA THR B 127 9.96 -0.66 -5.35
C THR B 127 8.44 -0.60 -5.16
N VAL B 128 7.83 0.51 -5.56
CA VAL B 128 6.37 0.62 -5.60
C VAL B 128 5.90 0.67 -7.06
N VAL B 129 4.96 -0.19 -7.40
CA VAL B 129 4.45 -0.31 -8.76
C VAL B 129 3.02 0.21 -8.89
N TYR B 130 2.81 1.11 -9.84
CA TYR B 130 1.46 1.55 -10.16
C TYR B 130 0.89 0.75 -11.33
N VAL B 131 -0.15 -0.03 -11.04
CA VAL B 131 -0.87 -0.78 -12.05
C VAL B 131 -2.08 0.06 -12.43
N PRO B 132 -2.06 0.66 -13.65
CA PRO B 132 -3.17 1.52 -14.10
C PRO B 132 -4.45 0.76 -14.42
N PRO B 133 -5.59 1.47 -14.50
CA PRO B 133 -6.83 0.89 -15.03
C PRO B 133 -6.59 0.14 -16.35
N TYR B 134 -7.27 -0.99 -16.52
CA TYR B 134 -7.28 -1.78 -17.76
C TYR B 134 -6.07 -2.71 -18.00
N TRP B 135 -5.04 -2.63 -17.17
CA TRP B 135 -3.88 -3.49 -17.36
C TRP B 135 -3.99 -4.80 -16.57
N ALA B 136 -3.92 -5.92 -17.28
CA ALA B 136 -3.70 -7.22 -16.63
C ALA B 136 -2.30 -7.23 -16.02
N HIS B 137 -2.11 -7.98 -14.93
CA HIS B 137 -0.85 -7.95 -14.20
C HIS B 137 -0.48 -9.30 -13.61
N ARG B 138 0.80 -9.64 -13.73
CA ARG B 138 1.36 -10.89 -13.22
C ARG B 138 2.73 -10.60 -12.61
N THR B 139 2.99 -11.14 -11.43
CA THR B 139 4.30 -10.99 -10.80
C THR B 139 5.20 -12.20 -11.07
N VAL B 140 6.50 -11.98 -11.18
CA VAL B 140 7.46 -13.02 -11.53
C VAL B 140 8.61 -13.00 -10.54
N ASN B 141 9.06 -14.17 -10.09
CA ASN B 141 10.24 -14.30 -9.24
C ASN B 141 11.42 -14.70 -10.10
N ILE B 142 12.40 -13.81 -10.21
CA ILE B 142 13.60 -14.05 -11.03
C ILE B 142 14.86 -14.42 -10.21
N GLY B 143 14.69 -14.65 -8.91
CA GLY B 143 15.83 -14.94 -8.02
C GLY B 143 15.75 -16.31 -7.39
N ASP B 144 16.61 -16.56 -6.41
CA ASP B 144 16.69 -17.89 -5.77
C ASP B 144 16.09 -17.92 -4.36
N GLU B 145 15.51 -16.78 -3.94
CA GLU B 145 14.79 -16.71 -2.68
C GLU B 145 13.35 -16.20 -2.91
N PRO B 146 12.46 -16.32 -1.90
CA PRO B 146 11.08 -15.86 -2.07
C PRO B 146 10.97 -14.38 -2.43
N PHE B 147 10.10 -14.10 -3.40
CA PHE B 147 9.74 -12.73 -3.77
C PHE B 147 8.48 -12.39 -2.99
N ILE B 148 8.57 -11.41 -2.10
CA ILE B 148 7.47 -11.03 -1.21
C ILE B 148 7.04 -9.58 -1.47
N PHE B 149 5.74 -9.36 -1.53
CA PHE B 149 5.20 -8.04 -1.81
C PHE B 149 3.79 -7.86 -1.23
N LEU B 150 3.38 -6.60 -1.11
CA LEU B 150 2.06 -6.27 -0.61
C LEU B 150 1.29 -5.59 -1.75
N ALA B 151 0.01 -5.89 -1.87
CA ALA B 151 -0.85 -5.27 -2.88
C ALA B 151 -2.09 -4.66 -2.25
N ILE B 152 -2.44 -3.46 -2.70
CA ILE B 152 -3.63 -2.75 -2.23
C ILE B 152 -4.49 -2.49 -3.45
N TYR B 153 -5.74 -2.92 -3.42
CA TYR B 153 -6.60 -2.83 -4.61
C TYR B 153 -8.03 -2.49 -4.20
N PRO B 154 -8.80 -1.85 -5.12
CA PRO B 154 -10.18 -1.53 -4.79
C PRO B 154 -10.98 -2.78 -4.45
N ALA B 155 -11.83 -2.65 -3.44
CA ALA B 155 -12.63 -3.77 -2.94
C ALA B 155 -13.63 -4.33 -3.95
N ASP B 156 -13.98 -3.51 -4.95
CA ASP B 156 -14.92 -3.94 -6.00
C ASP B 156 -14.21 -4.26 -7.33
N ALA B 157 -12.89 -4.35 -7.29
CA ALA B 157 -12.10 -4.66 -8.48
C ALA B 157 -12.45 -6.02 -9.08
N GLY B 158 -12.58 -7.04 -8.22
CA GLY B 158 -12.78 -8.41 -8.69
C GLY B 158 -11.57 -8.97 -9.40
N HIS B 159 -11.71 -10.21 -9.87
CA HIS B 159 -10.64 -10.89 -10.58
C HIS B 159 -11.17 -11.50 -11.87
N ASP B 160 -10.47 -11.26 -12.97
CA ASP B 160 -10.79 -11.93 -14.24
C ASP B 160 -9.58 -12.73 -14.75
N TYR B 161 -9.61 -14.05 -14.51
CA TYR B 161 -8.51 -14.93 -14.87
C TYR B 161 -8.62 -15.51 -16.29
N GLY B 162 -9.86 -15.69 -16.76
CA GLY B 162 -10.17 -16.47 -17.96
C GLY B 162 -9.30 -16.26 -19.19
N THR B 163 -9.22 -15.01 -19.62
CA THR B 163 -8.44 -14.62 -20.81
C THR B 163 -6.97 -15.01 -20.67
N ILE B 164 -6.39 -14.74 -19.50
CA ILE B 164 -4.98 -15.06 -19.22
C ILE B 164 -4.78 -16.57 -19.10
N ALA B 165 -5.77 -17.27 -18.56
CA ALA B 165 -5.73 -18.72 -18.40
C ALA B 165 -5.58 -19.42 -19.75
N GLU B 166 -6.37 -18.97 -20.73
CA GLU B 166 -6.40 -19.58 -22.06
C GLU B 166 -5.30 -19.08 -23.02
N LYS B 167 -4.95 -17.79 -22.94
CA LYS B 167 -4.06 -17.17 -23.92
C LYS B 167 -2.71 -16.74 -23.36
N GLY B 168 -2.65 -16.50 -22.05
CA GLY B 168 -1.42 -16.10 -21.37
C GLY B 168 -1.04 -14.66 -21.63
N PHE B 169 0.19 -14.31 -21.30
CA PHE B 169 0.72 -12.99 -21.61
C PHE B 169 1.48 -13.06 -22.93
N SER B 170 1.62 -11.92 -23.60
CA SER B 170 2.29 -11.85 -24.89
C SER B 170 3.81 -11.89 -24.74
N LYS B 171 4.27 -11.69 -23.51
CA LYS B 171 5.69 -11.82 -23.17
C LYS B 171 5.90 -12.91 -22.10
N ILE B 172 7.08 -13.53 -22.12
CA ILE B 172 7.47 -14.48 -21.06
C ILE B 172 8.82 -14.11 -20.47
N VAL B 173 9.03 -14.51 -19.22
CA VAL B 173 10.27 -14.20 -18.51
C VAL B 173 10.99 -15.50 -18.21
N ILE B 174 12.17 -15.64 -18.79
CA ILE B 174 12.89 -16.92 -18.80
C ILE B 174 14.34 -16.71 -18.40
N GLU B 175 15.01 -17.80 -18.04
CA GLU B 175 16.47 -17.79 -17.89
C GLU B 175 17.07 -18.51 -19.09
N GLU B 176 17.82 -17.76 -19.90
CA GLU B 176 18.45 -18.30 -21.08
C GLU B 176 19.91 -17.86 -21.13
N ASN B 177 20.81 -18.84 -21.18
CA ASN B 177 22.26 -18.59 -21.20
C ASN B 177 22.74 -17.76 -20.00
N GLY B 178 22.30 -18.17 -18.81
CA GLY B 178 22.71 -17.55 -17.56
C GLY B 178 22.17 -16.15 -17.27
N GLU B 179 21.22 -15.67 -18.08
CA GLU B 179 20.62 -14.36 -17.85
C GLU B 179 19.10 -14.30 -18.00
N VAL B 180 18.48 -13.38 -17.27
CA VAL B 180 17.03 -13.16 -17.31
C VAL B 180 16.67 -12.41 -18.58
N LYS B 181 15.71 -12.94 -19.34
CA LYS B 181 15.25 -12.31 -20.56
C LYS B 181 13.74 -12.18 -20.56
N VAL B 182 13.25 -11.00 -20.94
CA VAL B 182 11.84 -10.83 -21.29
C VAL B 182 11.73 -10.94 -22.81
N VAL B 183 11.11 -12.02 -23.27
CA VAL B 183 11.02 -12.32 -24.69
C VAL B 183 9.59 -12.57 -25.09
N ASP B 184 9.33 -12.59 -26.40
CA ASP B 184 8.00 -12.88 -26.92
C ASP B 184 7.57 -14.28 -26.51
N ASN B 185 6.31 -14.40 -26.07
CA ASN B 185 5.68 -15.68 -25.85
C ASN B 185 5.50 -16.38 -27.21
N PRO B 186 6.17 -17.54 -27.41
CA PRO B 186 6.08 -18.25 -28.70
C PRO B 186 4.72 -18.90 -28.93
N ARG B 187 3.92 -19.01 -27.87
CA ARG B 187 2.61 -19.66 -27.92
C ARG B 187 1.48 -18.62 -28.06
N TRP B 188 1.86 -17.36 -28.27
CA TRP B 188 0.90 -16.24 -28.32
C TRP B 188 0.50 -15.94 -29.76
#